data_5F71
#
_entry.id   5F71
#
_cell.length_a   53.997
_cell.length_b   61.957
_cell.length_c   67.152
_cell.angle_alpha   90.00
_cell.angle_beta   90.00
_cell.angle_gamma   90.00
#
_symmetry.space_group_name_H-M   'P 21 21 21'
#
loop_
_entity.id
_entity.type
_entity.pdbx_description
1 polymer 'Hepatitis A virus cellular receptor 2'
2 non-polymer 'SODIUM ION'
3 water water
#
_entity_poly.entity_id   1
_entity_poly.type   'polypeptide(L)'
_entity_poly.pdbx_seq_one_letter_code
;SEVEYRAEVGQNAYLPCFYTPAAPGNLVPVCWGKGACPVFECGNVVLRTDERDVNYWTSRYWLNGDFRKGDVSLTIENVT
LADSGIYCCRIQIPGIMNDEKFNLKLVIK
;
_entity_poly.pdbx_strand_id   A,B
#
loop_
_chem_comp.id
_chem_comp.type
_chem_comp.name
_chem_comp.formula
NA non-polymer 'SODIUM ION' 'Na 1'
#
# COMPACT_ATOMS: atom_id res chain seq x y z
N SER A 1 -0.87 17.20 3.54
CA SER A 1 -1.48 16.40 4.61
C SER A 1 -0.99 14.92 4.63
N GLU A 2 -1.68 14.07 5.40
CA GLU A 2 -1.25 12.69 5.70
C GLU A 2 -2.00 11.61 4.88
N VAL A 3 -1.35 10.46 4.67
CA VAL A 3 -1.87 9.37 3.83
C VAL A 3 -3.31 8.90 4.14
N GLU A 4 -4.11 8.83 3.08
CA GLU A 4 -5.53 8.52 3.18
C GLU A 4 -5.99 7.49 2.14
N TYR A 5 -7.00 6.70 2.51
CA TYR A 5 -7.66 5.82 1.57
C TYR A 5 -9.15 6.12 1.59
N ARG A 6 -9.78 6.08 0.43
CA ARG A 6 -11.16 6.53 0.32
C ARG A 6 -12.05 5.53 -0.41
N ALA A 7 -13.33 5.54 -0.07
CA ALA A 7 -14.34 4.77 -0.76
C ALA A 7 -15.69 5.45 -0.55
N GLU A 8 -16.58 5.30 -1.52
CA GLU A 8 -17.94 5.76 -1.34
C GLU A 8 -18.77 4.60 -0.75
N VAL A 9 -19.78 4.94 0.04
CA VAL A 9 -20.71 3.95 0.58
C VAL A 9 -21.11 2.95 -0.51
N GLY A 10 -21.05 1.67 -0.20
CA GLY A 10 -21.40 0.65 -1.17
C GLY A 10 -20.20 0.04 -1.88
N GLN A 11 -19.18 0.85 -2.12
CA GLN A 11 -17.93 0.38 -2.74
C GLN A 11 -17.12 -0.54 -1.80
N ASN A 12 -16.13 -1.23 -2.39
CA ASN A 12 -15.11 -1.93 -1.62
C ASN A 12 -14.04 -0.94 -1.16
N ALA A 13 -13.48 -1.14 0.04
CA ALA A 13 -12.35 -0.34 0.49
C ALA A 13 -11.08 -1.19 0.40
N TYR A 14 -9.99 -0.63 -0.12
CA TYR A 14 -8.75 -1.38 -0.25
C TYR A 14 -7.63 -0.75 0.56
N LEU A 15 -7.25 -1.42 1.66
CA LEU A 15 -6.26 -0.91 2.58
C LEU A 15 -5.00 -1.76 2.52
N PRO A 16 -3.90 -1.19 1.99
CA PRO A 16 -2.66 -1.93 1.71
C PRO A 16 -1.86 -2.31 2.97
N CYS A 17 -1.29 -3.50 2.95
CA CYS A 17 -0.42 -3.94 4.04
C CYS A 17 0.45 -5.10 3.57
N PHE A 18 1.76 -4.94 3.72
CA PHE A 18 2.73 -5.94 3.28
C PHE A 18 3.78 -6.20 4.35
N TYR A 19 4.44 -7.34 4.24
CA TYR A 19 5.62 -7.67 5.04
C TYR A 19 6.48 -8.67 4.26
N THR A 20 7.71 -8.88 4.69
CA THR A 20 8.54 -9.89 4.06
C THR A 20 8.44 -11.24 4.79
N PRO A 21 7.82 -12.23 4.13
CA PRO A 21 7.78 -13.58 4.69
C PRO A 21 9.15 -14.23 4.56
N ALA A 22 9.52 -14.88 5.66
CA ALA A 22 10.65 -15.77 5.80
C ALA A 22 9.95 -17.10 5.87
N ALA A 23 10.25 -17.91 4.86
CA ALA A 23 9.53 -19.15 4.58
C ALA A 23 9.61 -19.91 5.86
N PRO A 24 9.44 -21.23 5.85
CA PRO A 24 8.85 -22.15 4.86
C PRO A 24 7.37 -21.96 4.60
N GLY A 25 7.02 -20.90 3.86
CA GLY A 25 5.65 -20.63 3.44
C GLY A 25 4.58 -20.88 4.47
N ASN A 26 4.89 -20.62 5.74
CA ASN A 26 3.94 -20.83 6.83
C ASN A 26 3.26 -19.51 7.18
N LEU A 27 2.01 -19.58 7.66
CA LEU A 27 1.28 -18.35 7.99
C LEU A 27 1.89 -17.65 9.19
N VAL A 28 2.72 -16.64 8.90
CA VAL A 28 3.16 -15.66 9.89
C VAL A 28 2.13 -14.53 9.90
N PRO A 29 1.16 -14.62 10.82
CA PRO A 29 -0.18 -14.07 10.62
C PRO A 29 -0.38 -12.60 11.00
N VAL A 30 -1.55 -12.11 10.60
CA VAL A 30 -1.91 -10.70 10.63
C VAL A 30 -2.98 -10.45 11.66
N CYS A 31 -2.94 -9.25 12.24
CA CYS A 31 -4.02 -8.76 13.06
C CYS A 31 -4.51 -7.49 12.40
N TRP A 32 -5.73 -7.53 11.89
CA TRP A 32 -6.36 -6.34 11.35
C TRP A 32 -7.43 -5.89 12.35
N GLY A 33 -7.34 -4.64 12.80
CA GLY A 33 -8.33 -4.14 13.72
C GLY A 33 -8.69 -2.68 13.50
N LYS A 34 -9.84 -2.29 14.06
CA LYS A 34 -10.31 -0.91 14.05
C LYS A 34 -9.60 -0.09 15.15
N GLY A 35 -9.03 1.05 14.76
CA GLY A 35 -8.29 1.92 15.67
C GLY A 35 -6.80 1.96 15.34
N ALA A 36 -6.11 3.03 15.78
CA ALA A 36 -4.66 3.10 15.63
C ALA A 36 -4.00 1.96 16.43
N CYS A 37 -2.92 1.39 15.89
CA CYS A 37 -2.25 0.28 16.57
C CYS A 37 -1.89 0.63 18.01
N PRO A 38 -2.35 -0.20 18.97
CA PRO A 38 -1.90 -0.03 20.36
C PRO A 38 -0.56 -0.72 20.56
N VAL A 39 -0.08 -0.80 21.81
CA VAL A 39 1.24 -1.34 22.09
C VAL A 39 1.40 -2.84 21.78
N PHE A 40 0.39 -3.62 22.12
CA PHE A 40 0.53 -5.09 22.09
C PHE A 40 -0.26 -5.77 20.97
N GLU A 41 -1.54 -5.44 20.84
CA GLU A 41 -2.40 -6.07 19.83
C GLU A 41 -2.69 -5.15 18.62
N CYS A 42 -3.88 -5.29 18.03
CA CYS A 42 -4.26 -4.49 16.85
C CYS A 42 -5.64 -3.81 16.96
N GLY A 43 -6.12 -3.63 18.18
CA GLY A 43 -7.39 -2.95 18.39
C GLY A 43 -8.59 -3.88 18.32
N ASN A 44 -9.76 -3.31 18.01
CA ASN A 44 -10.96 -4.12 17.87
C ASN A 44 -10.82 -4.97 16.63
N VAL A 45 -10.55 -6.26 16.84
CA VAL A 45 -10.27 -7.19 15.76
C VAL A 45 -11.36 -7.20 14.70
N VAL A 46 -10.92 -7.13 13.45
CA VAL A 46 -11.77 -7.11 12.29
C VAL A 46 -11.49 -8.38 11.45
N LEU A 47 -10.22 -8.79 11.45
CA LEU A 47 -9.79 -10.05 10.84
C LEU A 47 -8.46 -10.44 11.49
N ARG A 48 -8.43 -11.57 12.17
CA ARG A 48 -7.20 -12.10 12.76
C ARG A 48 -6.93 -13.51 12.22
N THR A 49 -5.85 -13.68 11.45
CA THR A 49 -5.55 -14.97 10.83
C THR A 49 -4.94 -16.01 11.78
N ASP A 50 -5.73 -16.45 12.75
CA ASP A 50 -5.35 -17.60 13.59
C ASP A 50 -6.55 -18.47 13.97
N GLU A 51 -6.40 -19.25 15.03
CA GLU A 51 -7.41 -20.22 15.45
C GLU A 51 -8.56 -19.59 16.23
N ARG A 52 -8.42 -18.32 16.59
CA ARG A 52 -9.46 -17.60 17.32
C ARG A 52 -10.46 -16.91 16.38
N ASP A 53 -10.07 -16.77 15.11
CA ASP A 53 -10.93 -16.20 14.08
C ASP A 53 -12.26 -16.94 13.96
N VAL A 54 -13.35 -16.20 13.75
CA VAL A 54 -14.69 -16.78 13.60
C VAL A 54 -15.46 -16.21 12.42
N ASN A 55 -16.29 -17.06 11.81
CA ASN A 55 -17.18 -16.67 10.72
C ASN A 55 -16.50 -15.89 9.60
N TYR A 56 -15.32 -16.34 9.19
CA TYR A 56 -14.62 -15.67 8.10
C TYR A 56 -15.52 -15.63 6.88
N TRP A 57 -16.04 -16.76 6.45
CA TRP A 57 -16.75 -16.81 5.17
C TRP A 57 -18.00 -15.94 5.06
N THR A 58 -18.45 -15.38 6.18
CA THR A 58 -19.64 -14.51 6.18
C THR A 58 -19.34 -13.01 6.42
N SER A 59 -18.14 -12.69 6.88
CA SER A 59 -17.79 -11.31 7.20
C SER A 59 -17.44 -10.47 5.97
N ARG A 60 -17.31 -9.15 6.16
CA ARG A 60 -17.05 -8.24 5.05
C ARG A 60 -15.55 -7.98 4.88
N TYR A 61 -14.74 -8.64 5.71
CA TYR A 61 -13.30 -8.38 5.73
C TYR A 61 -12.54 -9.46 4.97
N TRP A 62 -11.84 -9.07 3.91
CA TRP A 62 -11.18 -10.06 3.05
C TRP A 62 -9.68 -9.83 2.83
N LEU A 63 -8.94 -10.92 2.86
CA LEU A 63 -7.55 -10.95 2.44
C LEU A 63 -7.49 -11.60 1.05
N ASN A 64 -7.73 -10.79 0.03
CA ASN A 64 -7.80 -11.28 -1.34
C ASN A 64 -6.45 -11.22 -2.05
N GLY A 65 -5.40 -10.87 -1.32
CA GLY A 65 -4.07 -10.80 -1.89
C GLY A 65 -3.28 -12.09 -1.72
N ASP A 66 -2.08 -12.11 -2.28
CA ASP A 66 -1.16 -13.24 -2.14
C ASP A 66 -0.49 -13.17 -0.78
N PHE A 67 -1.20 -13.66 0.25
CA PHE A 67 -0.77 -13.42 1.63
C PHE A 67 0.34 -14.34 2.11
N ARG A 68 0.45 -15.52 1.49
CA ARG A 68 1.56 -16.42 1.80
C ARG A 68 2.84 -15.80 1.30
N LYS A 69 2.70 -14.91 0.32
CA LYS A 69 3.81 -14.18 -0.25
C LYS A 69 3.95 -12.78 0.36
N GLY A 70 3.15 -12.47 1.37
CA GLY A 70 3.32 -11.24 2.11
C GLY A 70 2.33 -10.11 1.85
N ASP A 71 1.37 -10.33 0.96
CA ASP A 71 0.35 -9.31 0.71
C ASP A 71 -0.87 -9.57 1.61
N VAL A 72 -0.87 -8.95 2.77
CA VAL A 72 -2.02 -9.05 3.66
C VAL A 72 -2.92 -7.79 3.59
N SER A 73 -3.01 -7.22 2.40
CA SER A 73 -3.88 -6.06 2.18
C SER A 73 -5.35 -6.41 2.44
N LEU A 74 -6.04 -5.52 3.17
CA LEU A 74 -7.45 -5.73 3.50
C LEU A 74 -8.35 -5.18 2.42
N THR A 75 -9.37 -5.96 2.07
CA THR A 75 -10.52 -5.39 1.35
C THR A 75 -11.81 -5.52 2.18
N ILE A 76 -12.42 -4.38 2.48
CA ILE A 76 -13.72 -4.35 3.15
C ILE A 76 -14.81 -4.15 2.11
N GLU A 77 -15.73 -5.09 1.99
CA GLU A 77 -16.74 -4.97 0.93
C GLU A 77 -17.98 -4.19 1.41
N ASN A 78 -18.65 -3.54 0.46
CA ASN A 78 -19.92 -2.90 0.74
C ASN A 78 -19.83 -1.97 1.96
N VAL A 79 -18.94 -0.98 1.90
CA VAL A 79 -18.64 -0.10 3.03
C VAL A 79 -19.79 0.85 3.43
N THR A 80 -19.85 1.18 4.72
CA THR A 80 -20.81 2.16 5.25
C THR A 80 -20.06 3.35 5.85
N LEU A 81 -20.78 4.38 6.30
CA LEU A 81 -20.12 5.52 6.94
C LEU A 81 -19.42 5.05 8.22
N ALA A 82 -20.01 4.07 8.89
CA ALA A 82 -19.44 3.53 10.12
C ALA A 82 -18.04 2.94 9.94
N ASP A 83 -17.72 2.48 8.73
CA ASP A 83 -16.40 1.88 8.44
C ASP A 83 -15.26 2.90 8.37
N SER A 84 -15.58 4.19 8.39
CA SER A 84 -14.56 5.24 8.46
C SER A 84 -13.76 5.13 9.75
N GLY A 85 -12.50 5.56 9.69
CA GLY A 85 -11.64 5.56 10.85
C GLY A 85 -10.26 5.00 10.54
N ILE A 86 -9.51 4.70 11.59
CA ILE A 86 -8.15 4.20 11.42
C ILE A 86 -8.13 2.68 11.59
N TYR A 87 -7.35 2.00 10.75
CA TYR A 87 -7.22 0.55 10.86
C TYR A 87 -5.79 0.18 11.23
N CYS A 88 -5.65 -0.83 12.08
CA CYS A 88 -4.34 -1.31 12.44
C CYS A 88 -4.08 -2.62 11.71
N CYS A 89 -2.99 -2.64 10.95
CA CYS A 89 -2.49 -3.88 10.38
C CYS A 89 -1.17 -4.26 11.09
N ARG A 90 -1.22 -5.34 11.86
CA ARG A 90 -0.07 -5.73 12.67
C ARG A 90 0.42 -7.10 12.25
N ILE A 91 1.73 -7.21 12.04
CA ILE A 91 2.33 -8.49 11.71
C ILE A 91 3.19 -8.95 12.88
N GLN A 92 2.77 -10.02 13.55
CA GLN A 92 3.57 -10.62 14.59
C GLN A 92 4.20 -11.92 14.08
N ILE A 93 5.46 -11.84 13.68
CA ILE A 93 6.26 -13.01 13.29
C ILE A 93 7.07 -13.44 14.51
N PRO A 94 6.76 -14.62 15.08
CA PRO A 94 7.48 -15.00 16.30
C PRO A 94 8.34 -16.28 16.20
N GLY A 95 9.51 -16.24 15.56
CA GLY A 95 9.92 -15.13 14.71
C GLY A 95 10.67 -13.94 15.29
N ILE A 96 10.40 -12.77 14.70
CA ILE A 96 11.16 -11.54 14.90
C ILE A 96 10.64 -10.70 16.07
N MET A 97 11.57 -9.98 16.72
CA MET A 97 11.26 -9.21 17.93
C MET A 97 10.48 -7.93 17.67
N ASN A 98 10.83 -7.22 16.59
CA ASN A 98 10.12 -6.01 16.22
C ASN A 98 8.88 -6.29 15.35
N ASP A 99 7.69 -6.07 15.91
CA ASP A 99 6.43 -6.18 15.16
C ASP A 99 6.35 -5.14 14.06
N GLU A 100 5.65 -5.49 12.98
CA GLU A 100 5.38 -4.53 11.91
C GLU A 100 4.00 -3.90 12.14
N LYS A 101 3.97 -2.62 12.48
CA LYS A 101 2.69 -1.95 12.71
C LYS A 101 2.38 -0.92 11.62
N PHE A 102 1.15 -0.93 11.14
CA PHE A 102 0.73 0.03 10.14
C PHE A 102 -0.63 0.58 10.51
N ASN A 103 -0.74 1.90 10.55
CA ASN A 103 -2.04 2.54 10.66
C ASN A 103 -2.46 2.96 9.26
N LEU A 104 -3.69 2.60 8.89
CA LEU A 104 -4.22 3.01 7.59
C LEU A 104 -5.50 3.79 7.81
N LYS A 105 -5.57 4.99 7.25
CA LYS A 105 -6.71 5.86 7.47
C LYS A 105 -7.72 5.74 6.32
N LEU A 106 -8.92 5.27 6.65
CA LEU A 106 -10.01 5.14 5.67
C LEU A 106 -11.07 6.23 5.84
N VAL A 107 -11.40 6.90 4.72
CA VAL A 107 -12.46 7.89 4.69
C VAL A 107 -13.63 7.44 3.80
N ILE A 108 -14.82 7.36 4.38
CA ILE A 108 -16.02 7.01 3.62
C ILE A 108 -16.99 8.20 3.58
N LYS A 109 -17.48 8.54 2.38
CA LYS A 109 -18.51 9.57 2.24
C LYS A 109 -19.63 9.07 1.32
N SER B 1 -14.06 -6.56 -7.45
CA SER B 1 -13.06 -6.50 -8.52
C SER B 1 -11.68 -6.12 -7.98
N GLU B 2 -10.81 -5.63 -8.85
CA GLU B 2 -9.41 -5.41 -8.51
C GLU B 2 -9.17 -4.17 -7.65
N VAL B 3 -7.99 -4.14 -7.03
CA VAL B 3 -7.62 -3.10 -6.08
C VAL B 3 -7.48 -1.71 -6.71
N GLU B 4 -7.95 -0.71 -5.98
CA GLU B 4 -8.18 0.60 -6.53
C GLU B 4 -7.79 1.66 -5.50
N TYR B 5 -7.28 2.78 -6.00
CA TYR B 5 -7.05 3.95 -5.15
C TYR B 5 -7.81 5.15 -5.68
N ARG B 6 -8.48 5.86 -4.77
CA ARG B 6 -9.44 6.89 -5.17
C ARG B 6 -9.09 8.26 -4.60
N ALA B 7 -9.33 9.28 -5.41
CA ALA B 7 -9.17 10.66 -5.00
C ALA B 7 -10.20 11.52 -5.70
N GLU B 8 -10.50 12.67 -5.10
CA GLU B 8 -11.43 13.62 -5.69
C GLU B 8 -10.63 14.83 -6.12
N VAL B 9 -11.04 15.46 -7.23
CA VAL B 9 -10.37 16.63 -7.75
C VAL B 9 -10.07 17.64 -6.63
N GLY B 10 -8.81 18.05 -6.52
CA GLY B 10 -8.39 18.97 -5.46
C GLY B 10 -7.66 18.30 -4.31
N GLN B 11 -8.02 17.04 -4.02
CA GLN B 11 -7.36 16.28 -2.96
C GLN B 11 -5.96 15.82 -3.39
N ASN B 12 -5.19 15.30 -2.44
CA ASN B 12 -3.95 14.59 -2.77
C ASN B 12 -4.28 13.15 -3.10
N ALA B 13 -3.49 12.50 -3.94
CA ALA B 13 -3.64 11.06 -4.18
C ALA B 13 -2.52 10.25 -3.50
N TYR B 14 -2.88 9.09 -2.95
CA TYR B 14 -1.91 8.26 -2.24
C TYR B 14 -1.82 6.83 -2.81
N LEU B 15 -0.65 6.49 -3.35
CA LEU B 15 -0.44 5.21 -4.03
C LEU B 15 0.69 4.38 -3.39
N PRO B 16 0.34 3.23 -2.80
CA PRO B 16 1.32 2.47 -2.03
C PRO B 16 2.27 1.64 -2.89
N CYS B 17 3.56 1.70 -2.57
CA CYS B 17 4.56 0.86 -3.20
C CYS B 17 5.65 0.58 -2.19
N PHE B 18 5.98 -0.69 -2.01
CA PHE B 18 6.99 -1.09 -1.03
C PHE B 18 7.94 -2.12 -1.60
N TYR B 19 9.22 -1.90 -1.36
CA TYR B 19 10.24 -2.93 -1.54
C TYR B 19 11.03 -3.01 -0.25
N THR B 20 11.66 -4.15 -0.01
CA THR B 20 12.47 -4.34 1.17
C THR B 20 13.93 -4.34 0.73
N PRO B 21 14.70 -3.31 1.12
CA PRO B 21 16.06 -3.15 0.59
C PRO B 21 16.95 -4.30 1.03
N ALA B 22 17.80 -4.80 0.13
CA ALA B 22 18.74 -5.85 0.46
C ALA B 22 19.90 -5.29 1.27
N ALA B 23 20.24 -5.95 2.38
CA ALA B 23 21.37 -5.54 3.22
C ALA B 23 22.62 -5.33 2.36
N PRO B 24 23.40 -4.28 2.66
CA PRO B 24 23.23 -3.37 3.80
C PRO B 24 22.13 -2.31 3.61
N GLY B 25 21.49 -2.30 2.44
CA GLY B 25 20.38 -1.41 2.12
C GLY B 25 20.56 0.03 2.56
N ASN B 26 21.15 0.94 1.77
CA ASN B 26 21.39 0.89 0.32
C ASN B 26 20.16 1.12 -0.56
N LEU B 27 19.97 2.37 -0.92
CA LEU B 27 18.87 2.79 -1.78
C LEU B 27 19.17 2.47 -3.25
N VAL B 28 18.17 1.90 -3.94
CA VAL B 28 18.24 1.66 -5.39
C VAL B 28 17.25 2.57 -6.13
N PRO B 29 17.51 2.85 -7.43
CA PRO B 29 16.57 3.72 -8.16
C PRO B 29 15.11 3.23 -8.15
N VAL B 30 14.20 4.20 -8.12
CA VAL B 30 12.78 3.91 -8.13
C VAL B 30 12.13 4.75 -9.20
N CYS B 31 11.27 4.10 -9.98
CA CYS B 31 10.63 4.72 -11.11
C CYS B 31 9.14 4.76 -10.85
N TRP B 32 8.59 5.97 -10.73
CA TRP B 32 7.15 6.13 -10.81
C TRP B 32 6.80 6.70 -12.18
N GLY B 33 5.87 6.05 -12.86
CA GLY B 33 5.45 6.49 -14.18
C GLY B 33 3.95 6.45 -14.36
N LYS B 34 3.45 7.32 -15.22
CA LYS B 34 2.04 7.34 -15.60
C LYS B 34 1.80 6.35 -16.75
N GLY B 35 0.99 5.33 -16.49
CA GLY B 35 0.75 4.24 -17.43
C GLY B 35 1.30 2.95 -16.85
N ALA B 36 0.72 1.82 -17.26
CA ALA B 36 1.17 0.51 -16.80
C ALA B 36 2.67 0.30 -17.09
N CYS B 37 3.33 -0.52 -16.27
CA CYS B 37 4.76 -0.76 -16.41
C CYS B 37 5.11 -1.36 -17.76
N PRO B 38 5.93 -0.64 -18.55
CA PRO B 38 6.44 -1.22 -19.80
C PRO B 38 7.55 -2.22 -19.49
N VAL B 39 8.24 -2.72 -20.51
CA VAL B 39 9.25 -3.74 -20.30
C VAL B 39 10.53 -3.12 -19.71
N PHE B 40 10.74 -1.84 -19.97
CA PHE B 40 11.92 -1.11 -19.48
C PHE B 40 11.57 0.31 -19.01
N GLU B 41 12.06 0.67 -17.82
CA GLU B 41 11.71 1.92 -17.13
C GLU B 41 10.20 1.99 -16.84
N CYS B 42 9.69 3.16 -16.45
CA CYS B 42 8.31 3.26 -15.97
C CYS B 42 7.35 4.01 -16.91
N GLY B 43 7.90 4.59 -17.97
CA GLY B 43 7.07 5.24 -18.97
C GLY B 43 7.09 6.76 -18.87
N ASN B 44 5.90 7.37 -18.86
CA ASN B 44 5.81 8.79 -18.61
C ASN B 44 6.34 9.05 -17.22
N VAL B 45 7.66 9.19 -17.11
CA VAL B 45 8.33 9.37 -15.83
C VAL B 45 7.80 10.57 -15.06
N VAL B 46 7.25 10.28 -13.89
CA VAL B 46 6.59 11.27 -13.06
C VAL B 46 7.51 11.62 -11.86
N LEU B 47 8.31 10.64 -11.43
CA LEU B 47 9.27 10.78 -10.34
C LEU B 47 10.33 9.70 -10.47
N ARG B 48 11.60 10.11 -10.46
CA ARG B 48 12.72 9.18 -10.63
C ARG B 48 13.79 9.42 -9.57
N THR B 49 14.14 8.41 -8.78
CA THR B 49 15.11 8.62 -7.70
C THR B 49 16.55 8.28 -8.08
N ASP B 50 17.05 8.90 -9.15
CA ASP B 50 18.47 8.77 -9.49
C ASP B 50 19.16 10.13 -9.68
N GLU B 51 19.38 10.53 -10.93
CA GLU B 51 20.02 11.80 -11.20
C GLU B 51 19.53 12.34 -12.53
N ARG B 52 18.56 11.61 -13.11
CA ARG B 52 17.82 12.06 -14.27
C ARG B 52 16.49 12.62 -13.79
N ASP B 53 16.42 12.90 -12.50
CA ASP B 53 15.26 13.57 -11.92
C ASP B 53 15.38 15.09 -12.10
N VAL B 54 14.27 15.73 -12.45
CA VAL B 54 14.27 17.18 -12.63
C VAL B 54 13.26 17.89 -11.73
N ASN B 55 13.72 18.95 -11.08
CA ASN B 55 12.89 19.80 -10.23
C ASN B 55 12.01 19.02 -9.25
N TYR B 56 12.62 18.22 -8.39
CA TYR B 56 11.87 17.53 -7.36
C TYR B 56 11.15 18.55 -6.47
N TRP B 57 11.84 19.60 -6.05
CA TRP B 57 11.24 20.50 -5.06
C TRP B 57 10.07 21.36 -5.51
N THR B 58 9.82 21.43 -6.82
CA THR B 58 8.69 22.19 -7.34
C THR B 58 7.52 21.31 -7.83
N SER B 59 7.78 20.02 -8.08
CA SER B 59 6.76 19.13 -8.63
C SER B 59 5.63 18.71 -7.68
N ARG B 60 4.57 18.11 -8.25
CA ARG B 60 3.43 17.63 -7.48
C ARG B 60 3.66 16.23 -6.90
N TYR B 61 4.80 15.62 -7.22
CA TYR B 61 5.04 14.22 -6.89
C TYR B 61 6.00 14.00 -5.71
N TRP B 62 5.47 13.52 -4.59
CA TRP B 62 6.31 13.37 -3.39
C TRP B 62 6.56 11.92 -2.98
N LEU B 63 7.74 11.70 -2.40
CA LEU B 63 8.06 10.44 -1.72
C LEU B 63 8.11 10.75 -0.21
N ASN B 64 6.93 10.87 0.39
CA ASN B 64 6.77 11.35 1.76
C ASN B 64 6.90 10.24 2.79
N GLY B 65 6.94 9.00 2.33
CA GLY B 65 7.10 7.87 3.24
C GLY B 65 8.56 7.66 3.57
N ASP B 66 8.84 6.66 4.39
CA ASP B 66 10.21 6.33 4.76
C ASP B 66 10.91 5.64 3.59
N PHE B 67 11.31 6.42 2.60
CA PHE B 67 11.81 5.84 1.34
C PHE B 67 13.17 5.14 1.48
N ARG B 68 13.97 5.54 2.46
CA ARG B 68 15.25 4.88 2.71
C ARG B 68 15.02 3.44 3.19
N LYS B 69 13.92 3.23 3.89
CA LYS B 69 13.58 1.90 4.40
C LYS B 69 12.70 1.14 3.43
N GLY B 70 12.42 1.73 2.27
CA GLY B 70 11.67 1.05 1.22
C GLY B 70 10.19 1.40 1.06
N ASP B 71 9.74 2.46 1.73
CA ASP B 71 8.39 2.95 1.48
C ASP B 71 8.47 3.99 0.38
N VAL B 72 8.22 3.54 -0.84
CA VAL B 72 8.30 4.42 -2.00
C VAL B 72 6.89 4.78 -2.49
N SER B 73 5.94 4.77 -1.56
CA SER B 73 4.59 5.25 -1.84
C SER B 73 4.61 6.65 -2.44
N LEU B 74 3.74 6.88 -3.42
CA LEU B 74 3.68 8.18 -4.09
C LEU B 74 2.60 9.06 -3.48
N THR B 75 2.90 10.36 -3.37
CA THR B 75 1.88 11.34 -3.04
C THR B 75 1.74 12.28 -4.24
N ILE B 76 0.53 12.37 -4.78
CA ILE B 76 0.25 13.30 -5.87
C ILE B 76 -0.64 14.41 -5.32
N GLU B 77 -0.14 15.64 -5.31
CA GLU B 77 -0.89 16.72 -4.70
C GLU B 77 -1.75 17.48 -5.70
N ASN B 78 -2.90 17.95 -5.23
CA ASN B 78 -3.84 18.69 -6.04
C ASN B 78 -4.18 17.97 -7.35
N VAL B 79 -4.91 16.87 -7.24
CA VAL B 79 -5.20 16.04 -8.42
C VAL B 79 -6.24 16.67 -9.33
N THR B 80 -6.12 16.38 -10.62
CA THR B 80 -7.12 16.74 -11.63
C THR B 80 -7.68 15.45 -12.22
N LEU B 81 -8.69 15.54 -13.08
CA LEU B 81 -9.24 14.32 -13.70
C LEU B 81 -8.24 13.67 -14.66
N ALA B 82 -7.23 14.45 -15.05
CA ALA B 82 -6.18 13.99 -15.96
C ALA B 82 -5.15 13.13 -15.24
N ASP B 83 -5.32 13.00 -13.93
CA ASP B 83 -4.41 12.21 -13.13
C ASP B 83 -4.91 10.77 -13.02
N SER B 84 -6.14 10.51 -13.45
CA SER B 84 -6.70 9.16 -13.47
C SER B 84 -5.87 8.25 -14.36
N GLY B 85 -5.93 6.94 -14.11
CA GLY B 85 -5.18 5.98 -14.90
C GLY B 85 -4.34 5.04 -14.06
N ILE B 86 -3.67 4.10 -14.72
CA ILE B 86 -2.75 3.18 -14.04
C ILE B 86 -1.37 3.83 -13.84
N TYR B 87 -0.67 3.44 -12.77
CA TYR B 87 0.67 3.95 -12.49
C TYR B 87 1.66 2.82 -12.32
N CYS B 88 2.91 3.07 -12.66
CA CYS B 88 3.94 2.05 -12.59
C CYS B 88 4.89 2.42 -11.47
N CYS B 89 5.01 1.57 -10.46
CA CYS B 89 6.07 1.74 -9.48
C CYS B 89 7.13 0.71 -9.76
N ARG B 90 8.36 1.15 -9.98
CA ARG B 90 9.41 0.24 -10.42
C ARG B 90 10.68 0.35 -9.59
N ILE B 91 11.11 -0.77 -9.04
CA ILE B 91 12.33 -0.83 -8.24
C ILE B 91 13.39 -1.55 -9.07
N GLN B 92 14.45 -0.86 -9.47
CA GLN B 92 15.48 -1.53 -10.27
C GLN B 92 16.45 -2.34 -9.40
N ILE B 93 16.49 -3.64 -9.66
CA ILE B 93 17.25 -4.57 -8.84
C ILE B 93 18.45 -5.05 -9.67
N PRO B 94 19.64 -5.13 -9.04
CA PRO B 94 20.92 -5.54 -9.65
C PRO B 94 20.84 -6.67 -10.67
N GLY B 95 21.57 -6.54 -11.78
CA GLY B 95 21.52 -7.52 -12.85
C GLY B 95 20.29 -7.35 -13.73
N ILE B 96 19.93 -8.40 -14.46
CA ILE B 96 18.75 -8.42 -15.32
C ILE B 96 18.10 -9.81 -15.33
N MET B 97 16.78 -9.89 -15.49
CA MET B 97 15.87 -8.74 -15.40
C MET B 97 14.87 -9.04 -14.29
N ASN B 98 15.15 -8.49 -13.12
CA ASN B 98 14.42 -8.82 -11.91
C ASN B 98 13.82 -7.56 -11.28
N ASP B 99 13.62 -6.53 -12.11
CA ASP B 99 12.92 -5.31 -11.71
C ASP B 99 11.55 -5.65 -11.12
N GLU B 100 11.29 -5.14 -9.92
CA GLU B 100 9.97 -5.26 -9.32
C GLU B 100 9.05 -4.23 -9.99
N LYS B 101 7.98 -4.71 -10.62
CA LYS B 101 7.00 -3.83 -11.25
C LYS B 101 5.64 -3.94 -10.57
N PHE B 102 5.06 -2.79 -10.22
CA PHE B 102 3.75 -2.75 -9.60
C PHE B 102 2.89 -1.77 -10.35
N ASN B 103 1.71 -2.21 -10.76
CA ASN B 103 0.72 -1.32 -11.37
C ASN B 103 -0.34 -0.92 -10.35
N LEU B 104 -0.57 0.38 -10.24
CA LEU B 104 -1.52 0.93 -9.27
C LEU B 104 -2.59 1.72 -10.00
N LYS B 105 -3.85 1.40 -9.71
CA LYS B 105 -4.98 2.04 -10.38
C LYS B 105 -5.48 3.24 -9.57
N LEU B 106 -5.43 4.43 -10.17
CA LEU B 106 -5.95 5.64 -9.54
C LEU B 106 -7.25 6.11 -10.21
N VAL B 107 -8.26 6.35 -9.39
CA VAL B 107 -9.57 6.78 -9.89
C VAL B 107 -9.90 8.20 -9.38
N ILE B 108 -9.72 9.21 -10.25
CA ILE B 108 -10.10 10.58 -9.89
C ILE B 108 -11.56 10.87 -10.31
N LYS B 109 -12.31 11.53 -9.42
CA LYS B 109 -13.69 11.95 -9.71
C LYS B 109 -13.93 13.41 -9.31
NA NA C . -14.71 -12.39 4.99
NA NA D . 7.76 16.97 -5.34
#